data_3BQY
#
_entry.id   3BQY
#
_cell.length_a   83.755
_cell.length_b   83.755
_cell.length_c   83.700
_cell.angle_alpha   90.000
_cell.angle_beta   90.000
_cell.angle_gamma   90.000
#
_symmetry.space_group_name_H-M   'P 43 21 2'
#
loop_
_entity.id
_entity.type
_entity.pdbx_description
1 polymer 'Putative TetR family transcriptional regulator'
2 non-polymer 'PHOSPHATE ION'
3 non-polymer 'ACETIC ACID'
4 water water
#
_entity_poly.entity_id   1
_entity_poly.type   'polypeptide(L)'
_entity_poly.pdbx_seq_one_letter_code
;GHDRARTVQTALDLLNESGLDTLT(MSE)RRLAQA(MSE)DVQAGALYRYFAAKQDLLTA(MSE)AEH(MSE)VDGVADA
AGATGDGDWSERTARLARALRAALLAHRDGARVFAGTHATGPNTLRFADGLVGVLREAGFGDGDAARALYSVANFTVGHT
LEEQAALTPGGGGPLDEATLREAVAAGTYPHLAATLPVLTSTDFTAHFEFGLRLLLDGLRAVRGS
;
_entity_poly.pdbx_strand_id   A
#
# COMPACT_ATOMS: atom_id res chain seq x y z
N ASP A 3 -7.31 -22.46 11.22
CA ASP A 3 -8.76 -22.08 11.30
C ASP A 3 -8.89 -20.58 11.19
N ARG A 4 -8.18 -19.84 12.04
CA ARG A 4 -8.04 -18.40 11.83
CA ARG A 4 -7.99 -18.41 11.87
C ARG A 4 -7.36 -18.15 10.49
N ALA A 5 -6.30 -18.91 10.22
CA ALA A 5 -5.51 -18.78 8.98
C ALA A 5 -6.33 -19.06 7.71
N ARG A 6 -7.15 -20.12 7.79
CA ARG A 6 -8.01 -20.54 6.69
CA ARG A 6 -8.01 -20.53 6.68
C ARG A 6 -9.13 -19.53 6.45
N THR A 7 -9.64 -18.97 7.54
CA THR A 7 -10.63 -17.90 7.49
C THR A 7 -10.05 -16.67 6.82
N VAL A 8 -8.81 -16.30 7.19
CA VAL A 8 -8.15 -15.15 6.55
C VAL A 8 -7.97 -15.38 5.05
N GLN A 9 -7.56 -16.60 4.68
CA GLN A 9 -7.35 -16.91 3.27
C GLN A 9 -8.65 -16.83 2.48
N THR A 10 -9.71 -17.42 3.03
CA THR A 10 -11.03 -17.36 2.40
C THR A 10 -11.51 -15.90 2.21
N ALA A 11 -11.31 -15.08 3.25
CA ALA A 11 -11.64 -13.67 3.20
C ALA A 11 -10.86 -12.93 2.11
N LEU A 12 -9.56 -13.20 1.99
CA LEU A 12 -8.75 -12.64 0.91
C LEU A 12 -9.25 -13.09 -0.49
N ASP A 13 -9.64 -14.36 -0.59
CA ASP A 13 -10.26 -14.87 -1.83
C ASP A 13 -11.52 -14.07 -2.18
N LEU A 14 -12.41 -13.91 -1.19
CA LEU A 14 -13.66 -13.14 -1.35
C LEU A 14 -13.39 -11.71 -1.77
N LEU A 15 -12.37 -11.12 -1.15
CA LEU A 15 -11.95 -9.76 -1.45
C LEU A 15 -11.64 -9.63 -2.93
N ASN A 16 -10.85 -10.55 -3.47
CA ASN A 16 -10.56 -10.51 -4.90
C ASN A 16 -11.78 -10.70 -5.78
N GLU A 17 -12.74 -11.48 -5.29
CA GLU A 17 -13.91 -11.84 -6.09
C GLU A 17 -14.89 -10.69 -6.26
N SER A 18 -15.20 -9.99 -5.17
CA SER A 18 -16.22 -8.96 -5.25
C SER A 18 -15.92 -7.67 -4.46
N GLY A 19 -14.69 -7.53 -3.94
CA GLY A 19 -14.26 -6.27 -3.35
C GLY A 19 -14.57 -6.08 -1.88
N LEU A 20 -13.96 -5.07 -1.28
CA LEU A 20 -14.10 -4.82 0.15
C LEU A 20 -15.52 -4.49 0.59
N ASP A 21 -16.25 -3.71 -0.19
CA ASP A 21 -17.59 -3.29 0.21
C ASP A 21 -18.58 -4.46 0.40
N THR A 22 -18.34 -5.58 -0.28
CA THR A 22 -19.27 -6.72 -0.21
C THR A 22 -18.80 -7.75 0.82
N LEU A 23 -17.61 -7.55 1.36
CA LEU A 23 -17.06 -8.49 2.33
C LEU A 23 -17.76 -8.30 3.68
N THR A 24 -18.61 -9.25 4.06
CA THR A 24 -19.27 -9.22 5.36
C THR A 24 -18.96 -10.52 6.09
N ARG A 26 -21.23 -12.36 7.34
CA ARG A 26 -22.23 -13.28 6.79
C ARG A 26 -21.79 -13.85 5.45
N ARG A 27 -21.27 -12.98 4.58
CA ARG A 27 -20.77 -13.40 3.25
C ARG A 27 -19.63 -14.41 3.40
N LEU A 28 -18.72 -14.14 4.33
CA LEU A 28 -17.65 -15.05 4.68
C LEU A 28 -18.15 -16.38 5.24
N ALA A 29 -19.16 -16.32 6.12
CA ALA A 29 -19.79 -17.53 6.63
C ALA A 29 -20.42 -18.36 5.49
N GLN A 30 -21.11 -17.70 4.57
CA GLN A 30 -21.74 -18.39 3.42
C GLN A 30 -20.63 -19.07 2.61
N ALA A 31 -19.54 -18.34 2.37
CA ALA A 31 -18.37 -18.85 1.63
C ALA A 31 -17.74 -20.11 2.23
N ASP A 33 -19.37 -22.17 4.41
CA ASP A 33 -20.44 -23.06 4.84
C ASP A 33 -20.40 -23.29 6.36
N VAL A 34 -20.34 -22.19 7.11
CA VAL A 34 -20.51 -22.21 8.57
C VAL A 34 -21.58 -21.17 8.97
N GLN A 35 -21.89 -21.08 10.26
CA GLN A 35 -22.79 -20.04 10.78
C GLN A 35 -21.94 -18.84 11.12
N ALA A 36 -22.47 -17.63 10.97
CA ALA A 36 -21.65 -16.43 11.26
C ALA A 36 -21.17 -16.48 12.69
N GLY A 37 -22.01 -17.02 13.58
CA GLY A 37 -21.66 -17.26 14.98
C GLY A 37 -20.30 -17.88 15.14
N ALA A 38 -19.99 -18.86 14.30
CA ALA A 38 -18.71 -19.56 14.34
C ALA A 38 -17.54 -18.60 14.12
N LEU A 39 -17.67 -17.72 13.13
CA LEU A 39 -16.61 -16.78 12.78
C LEU A 39 -16.29 -15.82 13.89
N TYR A 40 -17.34 -15.43 14.61
CA TYR A 40 -17.22 -14.49 15.71
C TYR A 40 -16.49 -15.07 16.92
N ARG A 41 -16.33 -16.40 16.96
CA ARG A 41 -15.47 -17.05 17.95
C ARG A 41 -13.99 -16.88 17.63
N TYR A 42 -13.66 -16.73 16.35
CA TYR A 42 -12.28 -16.51 15.90
C TYR A 42 -11.92 -15.04 15.78
N PHE A 43 -12.90 -14.22 15.40
CA PHE A 43 -12.70 -12.78 15.26
C PHE A 43 -13.86 -12.08 15.94
N ALA A 44 -13.59 -11.36 17.02
CA ALA A 44 -14.65 -10.71 17.80
C ALA A 44 -15.45 -9.71 16.97
N ALA A 45 -14.80 -9.09 15.98
CA ALA A 45 -15.44 -8.11 15.11
C ALA A 45 -14.82 -8.19 13.73
N LYS A 46 -15.52 -7.66 12.74
CA LYS A 46 -14.98 -7.60 11.36
C LYS A 46 -13.66 -6.83 11.30
N GLN A 47 -13.51 -5.79 12.12
CA GLN A 47 -12.25 -5.03 12.11
CA GLN A 47 -12.25 -5.04 12.13
C GLN A 47 -11.05 -5.92 12.52
N ASP A 48 -11.29 -6.92 13.37
CA ASP A 48 -10.25 -7.88 13.78
C ASP A 48 -9.86 -8.79 12.62
N LEU A 49 -10.85 -9.24 11.87
CA LEU A 49 -10.57 -9.96 10.63
C LEU A 49 -9.77 -9.08 9.64
N LEU A 50 -10.22 -7.85 9.40
CA LEU A 50 -9.51 -6.93 8.49
C LEU A 50 -8.07 -6.69 8.93
N THR A 51 -7.87 -6.54 10.23
CA THR A 51 -6.54 -6.33 10.79
C THR A 51 -5.65 -7.55 10.48
N ALA A 52 -6.20 -8.76 10.68
CA ALA A 52 -5.48 -9.99 10.39
C ALA A 52 -5.15 -10.15 8.89
N ALA A 54 -4.74 -7.58 6.76
CA ALA A 54 -3.72 -6.58 6.45
C ALA A 54 -2.34 -7.12 6.88
N GLU A 55 -2.27 -7.73 8.06
CA GLU A 55 -1.02 -8.26 8.59
C GLU A 55 -0.51 -9.41 7.69
N HIS A 56 -1.41 -10.28 7.24
CA HIS A 56 -1.03 -11.33 6.29
C HIS A 56 -0.56 -10.83 4.91
N VAL A 58 1.09 -8.26 4.17
CA VAL A 58 2.45 -7.71 4.20
C VAL A 58 3.53 -8.69 4.70
N ASP A 59 3.16 -9.96 4.83
CA ASP A 59 4.10 -11.02 5.14
C ASP A 59 5.30 -10.95 4.19
N GLY A 60 6.51 -10.92 4.71
CA GLY A 60 7.64 -10.91 3.79
C GLY A 60 8.06 -9.58 3.22
N VAL A 61 7.23 -8.53 3.36
CA VAL A 61 7.61 -7.20 2.87
C VAL A 61 8.96 -6.73 3.44
N ALA A 62 9.18 -6.92 4.75
CA ALA A 62 10.40 -6.42 5.40
C ALA A 62 11.66 -7.06 4.80
N ASP A 63 11.51 -8.28 4.27
CA ASP A 63 12.66 -8.98 3.69
C ASP A 63 13.13 -8.43 2.35
N ALA A 64 12.31 -7.56 1.74
CA ALA A 64 12.68 -6.89 0.49
C ALA A 64 13.97 -6.07 0.59
N ALA A 65 14.31 -5.61 1.79
CA ALA A 65 15.51 -4.78 1.98
C ALA A 65 16.79 -5.60 1.78
N GLY A 66 16.71 -6.91 2.03
CA GLY A 66 17.87 -7.79 1.93
C GLY A 66 18.85 -7.42 3.03
N ALA A 67 20.12 -7.74 2.80
CA ALA A 67 21.19 -7.42 3.75
C ALA A 67 21.85 -6.10 3.37
N THR A 68 22.54 -5.49 4.33
CA THR A 68 23.38 -4.34 4.04
C THR A 68 24.32 -4.71 2.89
N GLY A 69 24.51 -3.77 1.96
CA GLY A 69 25.31 -4.02 0.78
C GLY A 69 24.54 -4.47 -0.43
N ASP A 70 23.31 -4.97 -0.23
CA ASP A 70 22.42 -5.37 -1.32
CA ASP A 70 22.46 -5.36 -1.37
C ASP A 70 21.82 -4.12 -1.97
N GLY A 71 22.67 -3.30 -2.59
CA GLY A 71 22.27 -1.97 -3.01
C GLY A 71 22.61 -0.99 -1.89
N ASP A 72 22.69 0.30 -2.21
CA ASP A 72 22.94 1.34 -1.22
C ASP A 72 21.64 1.59 -0.42
N TRP A 73 21.66 2.50 0.55
CA TRP A 73 20.51 2.74 1.39
C TRP A 73 19.26 3.17 0.55
N SER A 74 19.48 3.96 -0.51
CA SER A 74 18.34 4.46 -1.29
C SER A 74 17.69 3.32 -2.08
N GLU A 75 18.51 2.41 -2.64
CA GLU A 75 17.98 1.23 -3.31
CA GLU A 75 18.00 1.23 -3.33
C GLU A 75 17.25 0.31 -2.34
N ARG A 76 17.79 0.10 -1.15
CA ARG A 76 17.10 -0.79 -0.20
C ARG A 76 15.78 -0.17 0.30
N THR A 77 15.80 1.14 0.53
CA THR A 77 14.60 1.84 0.94
C THR A 77 13.56 1.75 -0.18
N ALA A 78 14.00 1.94 -1.42
CA ALA A 78 13.09 1.84 -2.57
C ALA A 78 12.50 0.42 -2.66
N ARG A 79 13.31 -0.62 -2.43
CA ARG A 79 12.78 -2.00 -2.52
C ARG A 79 11.70 -2.26 -1.47
N LEU A 80 11.89 -1.72 -0.27
CA LEU A 80 10.87 -1.84 0.78
C LEU A 80 9.55 -1.17 0.38
N ALA A 81 9.62 0.06 -0.12
CA ALA A 81 8.42 0.78 -0.57
C ALA A 81 7.76 0.06 -1.72
N ARG A 82 8.54 -0.37 -2.70
CA ARG A 82 7.98 -1.15 -3.81
C ARG A 82 7.29 -2.45 -3.37
N ALA A 83 7.91 -3.15 -2.42
CA ALA A 83 7.36 -4.41 -1.94
C ALA A 83 6.07 -4.16 -1.19
N LEU A 84 6.01 -3.05 -0.44
CA LEU A 84 4.75 -2.71 0.22
C LEU A 84 3.65 -2.44 -0.81
N ARG A 85 3.94 -1.60 -1.80
CA ARG A 85 3.00 -1.37 -2.90
C ARG A 85 2.54 -2.67 -3.56
N ALA A 86 3.48 -3.55 -3.87
CA ALA A 86 3.18 -4.79 -4.56
C ALA A 86 2.28 -5.68 -3.69
N ALA A 87 2.55 -5.72 -2.39
CA ALA A 87 1.76 -6.54 -1.46
C ALA A 87 0.32 -6.03 -1.40
N LEU A 88 0.13 -4.70 -1.46
CA LEU A 88 -1.23 -4.17 -1.42
C LEU A 88 -1.95 -4.33 -2.76
N LEU A 89 -1.22 -4.19 -3.87
CA LEU A 89 -1.80 -4.38 -5.22
C LEU A 89 -2.19 -5.83 -5.50
N ALA A 90 -1.62 -6.77 -4.73
CA ALA A 90 -1.87 -8.21 -4.92
C ALA A 90 -3.31 -8.58 -4.54
N HIS A 91 -4.00 -7.68 -3.86
CA HIS A 91 -5.39 -7.92 -3.42
C HIS A 91 -6.26 -6.75 -3.81
N ARG A 92 -7.44 -7.05 -4.34
CA ARG A 92 -8.42 -6.05 -4.65
C ARG A 92 -8.74 -5.24 -3.39
N ASP A 93 -8.75 -3.92 -3.50
CA ASP A 93 -8.94 -3.03 -2.34
C ASP A 93 -7.92 -3.25 -1.21
N GLY A 94 -6.75 -3.79 -1.53
CA GLY A 94 -5.76 -4.10 -0.50
C GLY A 94 -5.27 -2.87 0.27
N ALA A 95 -5.04 -1.76 -0.42
CA ALA A 95 -4.59 -0.54 0.27
C ALA A 95 -5.64 -0.03 1.28
N ARG A 96 -6.92 -0.13 0.93
CA ARG A 96 -8.01 0.25 1.85
C ARG A 96 -7.99 -0.61 3.09
N VAL A 97 -7.77 -1.91 2.91
CA VAL A 97 -7.71 -2.81 4.06
C VAL A 97 -6.50 -2.44 4.96
N PHE A 98 -5.34 -2.27 4.35
CA PHE A 98 -4.13 -1.92 5.10
C PHE A 98 -4.26 -0.55 5.80
N ALA A 99 -4.72 0.45 5.05
CA ALA A 99 -4.87 1.83 5.56
C ALA A 99 -5.81 1.89 6.76
N GLY A 100 -6.89 1.11 6.72
CA GLY A 100 -7.86 1.10 7.81
C GLY A 100 -7.63 0.17 8.99
N THR A 101 -6.42 -0.41 9.13
CA THR A 101 -6.17 -1.47 10.13
C THR A 101 -6.13 -0.96 11.59
N HIS A 102 -6.51 -1.80 12.57
CA HIS A 102 -6.63 -1.33 13.97
C HIS A 102 -5.64 -1.92 14.99
N ALA A 103 -4.62 -2.59 14.47
CA ALA A 103 -3.48 -3.03 15.25
C ALA A 103 -2.28 -2.93 14.33
N THR A 104 -1.10 -2.93 14.93
CA THR A 104 0.13 -2.98 14.17
C THR A 104 0.77 -4.31 14.51
N GLY A 105 0.68 -5.27 13.59
CA GLY A 105 1.24 -6.59 13.84
C GLY A 105 2.73 -6.69 13.54
N PRO A 106 3.31 -7.85 13.82
CA PRO A 106 4.73 -8.16 13.63
C PRO A 106 5.24 -7.91 12.21
N ASN A 107 4.44 -8.26 11.18
CA ASN A 107 4.86 -8.04 9.80
C ASN A 107 5.03 -6.57 9.49
N THR A 108 4.13 -5.74 9.99
CA THR A 108 4.19 -4.30 9.77
C THR A 108 5.30 -3.72 10.62
N LEU A 109 5.39 -4.16 11.86
CA LEU A 109 6.49 -3.71 12.73
C LEU A 109 7.87 -4.03 12.11
N ARG A 110 8.04 -5.23 11.57
CA ARG A 110 9.31 -5.61 10.95
CA ARG A 110 9.31 -5.62 10.96
C ARG A 110 9.63 -4.70 9.76
N PHE A 111 8.61 -4.40 8.97
CA PHE A 111 8.75 -3.50 7.81
C PHE A 111 9.21 -2.12 8.31
N ALA A 112 8.53 -1.58 9.34
CA ALA A 112 8.80 -0.23 9.83
C ALA A 112 10.20 -0.17 10.45
N ASP A 113 10.49 -1.13 11.30
CA ASP A 113 11.80 -1.20 11.96
C ASP A 113 12.92 -1.34 10.91
N GLY A 114 12.67 -2.17 9.89
CA GLY A 114 13.65 -2.42 8.84
C GLY A 114 13.93 -1.14 8.07
N LEU A 115 12.87 -0.43 7.69
CA LEU A 115 13.03 0.84 6.94
C LEU A 115 13.78 1.90 7.75
N VAL A 116 13.35 2.12 9.00
CA VAL A 116 14.05 3.07 9.86
C VAL A 116 15.53 2.65 10.05
N GLY A 117 15.76 1.34 10.24
CA GLY A 117 17.12 0.80 10.39
C GLY A 117 18.02 1.06 9.19
N VAL A 118 17.48 0.86 8.00
CA VAL A 118 18.26 1.13 6.78
C VAL A 118 18.78 2.58 6.78
N LEU A 119 17.89 3.52 7.10
CA LEU A 119 18.26 4.96 7.13
C LEU A 119 19.22 5.28 8.27
N ARG A 120 18.91 4.84 9.49
CA ARG A 120 19.84 5.10 10.59
C ARG A 120 21.25 4.57 10.31
N GLU A 121 21.32 3.34 9.79
CA GLU A 121 22.61 2.69 9.50
C GLU A 121 23.36 3.34 8.34
N ALA A 122 22.66 4.16 7.58
CA ALA A 122 23.25 4.90 6.45
C ALA A 122 23.61 6.33 6.85
N GLY A 123 23.40 6.68 8.11
CA GLY A 123 23.86 7.99 8.60
C GLY A 123 22.75 8.99 8.83
N PHE A 124 21.49 8.57 8.71
CA PHE A 124 20.39 9.49 9.10
C PHE A 124 20.19 9.52 10.61
N GLY A 125 19.94 10.71 11.15
CA GLY A 125 19.63 10.85 12.57
C GLY A 125 18.27 10.26 12.87
N ASP A 126 18.01 10.01 14.15
CA ASP A 126 16.75 9.38 14.61
C ASP A 126 15.50 10.06 14.05
N GLY A 127 15.43 11.39 14.20
CA GLY A 127 14.26 12.15 13.76
C GLY A 127 14.01 12.05 12.25
N ASP A 128 15.06 12.22 11.45
CA ASP A 128 14.94 12.08 10.00
C ASP A 128 14.51 10.68 9.59
N ALA A 129 15.12 9.65 10.20
CA ALA A 129 14.79 8.28 9.83
C ALA A 129 13.33 7.93 10.17
N ALA A 130 12.89 8.28 11.37
CA ALA A 130 11.51 8.00 11.77
C ALA A 130 10.51 8.80 10.93
N ARG A 131 10.80 10.07 10.71
CA ARG A 131 9.89 10.87 9.88
C ARG A 131 9.86 10.36 8.44
N ALA A 132 11.00 9.87 7.94
CA ALA A 132 11.06 9.32 6.59
C ALA A 132 10.17 8.07 6.47
N LEU A 133 10.13 7.25 7.54
CA LEU A 133 9.27 6.09 7.54
C LEU A 133 7.84 6.52 7.24
N TYR A 134 7.35 7.54 7.94
CA TYR A 134 5.98 8.02 7.73
C TYR A 134 5.82 8.61 6.32
N SER A 135 6.81 9.35 5.85
CA SER A 135 6.68 9.98 4.52
C SER A 135 6.58 8.90 3.44
N VAL A 136 7.46 7.92 3.51
CA VAL A 136 7.51 6.86 2.48
C VAL A 136 6.26 5.97 2.57
N ALA A 137 5.90 5.57 3.79
CA ALA A 137 4.73 4.70 3.97
C ALA A 137 3.46 5.43 3.59
N ASN A 138 3.30 6.69 4.02
CA ASN A 138 2.08 7.42 3.69
C ASN A 138 1.97 7.75 2.21
N PHE A 139 3.10 8.07 1.59
CA PHE A 139 3.05 8.24 0.12
C PHE A 139 2.66 6.90 -0.57
N THR A 140 3.30 5.81 -0.14
CA THR A 140 3.03 4.53 -0.77
C THR A 140 1.55 4.13 -0.63
N VAL A 141 1.01 4.27 0.59
CA VAL A 141 -0.40 3.95 0.82
C VAL A 141 -1.33 4.88 0.01
N GLY A 142 -1.09 6.19 0.06
CA GLY A 142 -1.90 7.15 -0.69
C GLY A 142 -1.86 6.85 -2.18
N HIS A 143 -0.66 6.58 -2.70
CA HIS A 143 -0.53 6.26 -4.12
C HIS A 143 -1.31 4.98 -4.49
N THR A 144 -1.16 3.95 -3.67
CA THR A 144 -1.77 2.64 -3.98
C THR A 144 -3.30 2.71 -3.82
N LEU A 145 -3.78 3.42 -2.82
CA LEU A 145 -5.22 3.66 -2.67
C LEU A 145 -5.81 4.28 -3.91
N GLU A 146 -5.15 5.31 -4.42
CA GLU A 146 -5.65 6.00 -5.61
C GLU A 146 -5.48 5.19 -6.90
N GLU A 147 -4.40 4.41 -6.99
CA GLU A 147 -4.24 3.48 -8.12
C GLU A 147 -5.38 2.45 -8.12
N GLN A 148 -5.67 1.87 -6.95
CA GLN A 148 -6.75 0.87 -6.87
C GLN A 148 -8.14 1.45 -7.11
N ALA A 149 -8.38 2.67 -6.63
CA ALA A 149 -9.63 3.37 -6.90
C ALA A 149 -9.88 3.53 -8.41
N ALA A 150 -8.80 3.81 -9.15
CA ALA A 150 -8.86 4.02 -10.60
C ALA A 150 -9.13 2.73 -11.36
N LEU A 151 -8.63 1.62 -10.84
CA LEU A 151 -8.77 0.31 -11.49
C LEU A 151 -10.08 -0.39 -11.14
N THR A 152 -10.80 0.14 -10.15
CA THR A 152 -12.11 -0.37 -9.76
C THR A 152 -13.08 -0.15 -10.91
N PRO A 153 -13.91 -1.17 -11.24
CA PRO A 153 -14.91 -1.01 -12.31
C PRO A 153 -15.64 0.34 -12.20
N GLY A 154 -15.51 1.20 -13.22
CA GLY A 154 -16.10 2.54 -13.19
C GLY A 154 -15.15 3.67 -12.78
N GLY A 155 -14.01 3.31 -12.19
CA GLY A 155 -13.02 4.33 -11.82
C GLY A 155 -13.30 4.89 -10.43
N GLY A 156 -12.64 6.00 -10.10
CA GLY A 156 -12.79 6.62 -8.79
C GLY A 156 -11.49 7.30 -8.39
N GLY A 157 -11.55 8.08 -7.32
CA GLY A 157 -10.38 8.85 -6.87
C GLY A 157 -10.47 10.23 -7.49
N PRO A 158 -9.99 11.26 -6.78
CA PRO A 158 -10.16 12.65 -7.28
C PRO A 158 -9.41 12.96 -8.57
N LEU A 159 -8.32 12.22 -8.85
CA LEU A 159 -7.47 12.52 -10.01
C LEU A 159 -7.41 11.33 -10.96
N ASP A 160 -8.53 10.60 -11.04
CA ASP A 160 -8.63 9.45 -11.91
C ASP A 160 -8.32 9.89 -13.34
N GLU A 161 -7.32 9.22 -13.92
CA GLU A 161 -6.91 9.39 -15.32
C GLU A 161 -8.05 9.66 -16.32
N ALA A 162 -8.98 8.72 -16.45
CA ALA A 162 -10.07 8.86 -17.44
C ALA A 162 -10.97 10.08 -17.14
N THR A 163 -11.30 10.23 -15.86
CA THR A 163 -12.16 11.32 -15.40
C THR A 163 -11.58 12.71 -15.77
N LEU A 164 -10.28 12.90 -15.50
CA LEU A 164 -9.53 14.10 -15.91
C LEU A 164 -9.73 14.45 -17.39
N ARG A 165 -9.46 13.49 -18.28
CA ARG A 165 -9.61 13.69 -19.73
C ARG A 165 -10.89 14.40 -20.16
N GLU A 166 -12.04 13.96 -19.64
CA GLU A 166 -13.33 14.46 -20.14
C GLU A 166 -13.67 15.83 -19.57
N ALA A 167 -13.25 16.09 -18.34
CA ALA A 167 -13.54 17.38 -17.71
C ALA A 167 -12.65 18.51 -18.27
N VAL A 168 -11.52 18.13 -18.85
CA VAL A 168 -10.50 19.08 -19.25
C VAL A 168 -10.70 19.63 -20.68
N ALA A 169 -10.38 20.90 -20.82
CA ALA A 169 -10.14 21.57 -22.10
C ALA A 169 -8.92 22.49 -21.88
N ALA A 170 -8.20 22.80 -22.98
CA ALA A 170 -7.06 23.73 -22.93
C ALA A 170 -7.59 25.12 -22.59
N GLY A 171 -8.85 25.38 -22.94
CA GLY A 171 -9.50 26.67 -22.69
C GLY A 171 -9.87 26.91 -21.22
N THR A 172 -9.95 25.85 -20.42
CA THR A 172 -10.35 26.01 -19.01
C THR A 172 -9.36 25.49 -17.99
N TYR A 173 -8.70 24.36 -18.28
CA TYR A 173 -7.61 23.84 -17.41
C TYR A 173 -6.39 23.55 -18.28
N PRO A 174 -5.71 24.63 -18.70
CA PRO A 174 -4.66 24.49 -19.72
C PRO A 174 -3.47 23.66 -19.29
N HIS A 175 -3.10 23.69 -18.01
CA HIS A 175 -1.96 22.90 -17.57
C HIS A 175 -2.30 21.43 -17.52
N LEU A 176 -3.54 21.11 -17.15
CA LEU A 176 -4.01 19.74 -17.27
C LEU A 176 -4.15 19.30 -18.73
N ALA A 177 -4.64 20.21 -19.58
CA ALA A 177 -4.77 19.90 -21.00
C ALA A 177 -3.38 19.59 -21.57
N ALA A 178 -2.40 20.43 -21.26
CA ALA A 178 -1.03 20.31 -21.82
C ALA A 178 -0.36 19.00 -21.39
N THR A 179 -0.66 18.54 -20.19
CA THR A 179 0.01 17.38 -19.62
C THR A 179 -0.87 16.10 -19.67
N LEU A 180 -2.03 16.17 -20.36
CA LEU A 180 -2.98 15.05 -20.42
C LEU A 180 -2.38 13.68 -20.75
N PRO A 181 -1.45 13.59 -21.71
CA PRO A 181 -0.88 12.25 -21.90
C PRO A 181 -0.35 11.60 -20.59
N VAL A 182 0.35 12.39 -19.77
CA VAL A 182 0.92 11.91 -18.56
C VAL A 182 -0.18 11.64 -17.52
N LEU A 183 -1.10 12.59 -17.33
CA LEU A 183 -2.18 12.49 -16.34
C LEU A 183 -3.10 11.28 -16.52
N THR A 184 -3.36 10.93 -17.77
CA THR A 184 -4.28 9.84 -18.12
C THR A 184 -3.54 8.55 -18.41
N SER A 185 -2.22 8.58 -18.23
CA SER A 185 -1.34 7.40 -18.39
C SER A 185 -1.84 6.25 -17.50
N THR A 186 -1.86 5.03 -18.01
CA THR A 186 -2.14 3.91 -17.11
C THR A 186 -0.86 3.35 -16.49
N ASP A 187 0.24 4.12 -16.63
CA ASP A 187 1.54 3.71 -16.09
C ASP A 187 1.67 4.11 -14.63
N PHE A 188 0.91 3.46 -13.78
CA PHE A 188 0.96 3.73 -12.34
C PHE A 188 2.33 3.44 -11.75
N THR A 189 2.98 2.41 -12.27
CA THR A 189 4.32 2.05 -11.80
C THR A 189 5.30 3.20 -12.00
N ALA A 190 5.31 3.79 -13.20
CA ALA A 190 6.13 4.97 -13.48
C ALA A 190 5.83 6.15 -12.54
N HIS A 191 4.53 6.39 -12.27
CA HIS A 191 4.15 7.46 -11.32
C HIS A 191 4.72 7.16 -9.92
N PHE A 192 4.59 5.92 -9.49
CA PHE A 192 5.09 5.52 -8.19
C PHE A 192 6.61 5.70 -8.08
N GLU A 193 7.33 5.23 -9.10
CA GLU A 193 8.77 5.36 -9.12
C GLU A 193 9.21 6.84 -9.07
N PHE A 194 8.47 7.71 -9.75
CA PHE A 194 8.79 9.14 -9.77
C PHE A 194 8.65 9.71 -8.36
N GLY A 195 7.54 9.40 -7.69
CA GLY A 195 7.31 9.92 -6.33
C GLY A 195 8.34 9.40 -5.36
N LEU A 196 8.67 8.12 -5.49
CA LEU A 196 9.69 7.50 -4.67
C LEU A 196 11.06 8.16 -4.91
N ARG A 197 11.38 8.42 -6.18
N ARG A 197 11.38 8.44 -6.16
CA ARG A 197 12.61 9.15 -6.52
CA ARG A 197 12.62 9.12 -6.48
C ARG A 197 12.65 10.53 -5.87
C ARG A 197 12.66 10.55 -5.90
N LEU A 198 11.54 11.27 -5.92
CA LEU A 198 11.46 12.59 -5.24
C LEU A 198 11.82 12.45 -3.73
N LEU A 199 11.19 11.50 -3.05
CA LEU A 199 11.42 11.27 -1.61
C LEU A 199 12.88 10.93 -1.36
N LEU A 200 13.45 10.04 -2.17
CA LEU A 200 14.83 9.60 -1.97
C LEU A 200 15.83 10.72 -2.26
N ASP A 201 15.58 11.50 -3.31
CA ASP A 201 16.39 12.70 -3.61
C ASP A 201 16.30 13.70 -2.45
N GLY A 202 15.09 13.88 -1.93
CA GLY A 202 14.89 14.74 -0.76
C GLY A 202 15.69 14.23 0.44
N LEU A 203 15.64 12.92 0.69
CA LEU A 203 16.44 12.34 1.78
C LEU A 203 17.94 12.55 1.55
N ARG A 204 18.40 12.41 0.30
CA ARG A 204 19.80 12.67 -0.02
CA ARG A 204 19.80 12.65 0.02
C ARG A 204 20.14 14.10 0.37
N ALA A 205 19.22 15.03 0.07
CA ALA A 205 19.44 16.43 0.40
C ALA A 205 19.53 16.69 1.90
N VAL A 206 18.69 16.03 2.69
CA VAL A 206 18.69 16.28 4.13
C VAL A 206 19.74 15.48 4.89
N ARG A 207 20.30 14.43 4.28
CA ARG A 207 21.23 13.61 5.04
C ARG A 207 22.37 14.44 5.68
#